data_7G1Z
#
_entry.id   7G1Z
#
_cell.length_a   32.235
_cell.length_b   53.738
_cell.length_c   75.064
_cell.angle_alpha   90.000
_cell.angle_beta   90.000
_cell.angle_gamma   90.000
#
_symmetry.space_group_name_H-M   'P 21 21 21'
#
loop_
_entity.id
_entity.type
_entity.pdbx_description
1 polymer 'Fatty acid-binding protein, adipocyte'
2 non-polymer 5-[(4-methyl-3-phenoxyphenyl)methyl]-1H-tetrazole
3 non-polymer 'SULFATE ION'
4 water water
#
_entity_poly.entity_id   1
_entity_poly.type   'polypeptide(L)'
_entity_poly.pdbx_seq_one_letter_code
;GSHMCDAFVGTWKLVSSENFDDYMKEVGVGFATRKVAGMAKPNMIISVNGDVITIKSESTFKNTEISFILGQEFDEVTAD
DRKVKSTITLDGGVLVHVQKWDGKSTTIKRKREDDKLVVECVMKGVTSTRVYERA
;
_entity_poly.pdbx_strand_id   A
#
loop_
_chem_comp.id
_chem_comp.type
_chem_comp.name
_chem_comp.formula
SO4 non-polymer 'SULFATE ION' 'O4 S -2'
WQH non-polymer 5-[(4-methyl-3-phenoxyphenyl)methyl]-1H-tetrazole 'C15 H14 N4 O'
#
# COMPACT_ATOMS: atom_id res chain seq x y z
N HIS A 3 -9.57 6.36 17.92
CA HIS A 3 -9.74 7.43 16.90
C HIS A 3 -8.47 7.62 16.06
N MET A 4 -7.59 6.63 16.21
CA MET A 4 -6.16 6.78 15.73
C MET A 4 -6.02 6.96 14.20
N CYS A 5 -6.90 6.33 13.48
CA CYS A 5 -6.92 6.35 12.04
C CYS A 5 -8.19 6.91 11.50
N ASP A 6 -8.90 7.77 12.20
CA ASP A 6 -10.27 8.17 11.78
C ASP A 6 -10.34 8.64 10.40
N ALA A 7 -9.36 9.43 10.02
CA ALA A 7 -9.40 10.09 8.71
C ALA A 7 -9.06 9.14 7.56
N PHE A 8 -8.47 7.99 7.84
CA PHE A 8 -8.19 6.96 6.82
C PHE A 8 -9.38 6.01 6.61
N VAL A 9 -10.26 5.85 7.59
CA VAL A 9 -11.30 4.85 7.54
CA VAL A 9 -11.23 4.76 7.46
C VAL A 9 -12.23 5.15 6.38
N GLY A 10 -12.64 4.11 5.65
CA GLY A 10 -13.59 4.25 4.59
C GLY A 10 -13.21 3.39 3.41
N THR A 11 -13.87 3.67 2.29
CA THR A 11 -13.70 2.96 1.03
C THR A 11 -13.16 3.95 0.03
N TRP A 12 -12.07 3.61 -0.64
CA TRP A 12 -11.32 4.49 -1.48
C TRP A 12 -11.08 3.82 -2.81
N LYS A 13 -11.06 4.54 -3.89
CA LYS A 13 -10.86 3.99 -5.24
CA LYS A 13 -10.86 4.01 -5.26
C LYS A 13 -9.65 4.66 -5.88
N LEU A 14 -8.80 3.86 -6.53
CA LEU A 14 -7.60 4.38 -7.19
C LEU A 14 -8.01 5.25 -8.36
N VAL A 15 -7.46 6.47 -8.44
CA VAL A 15 -7.70 7.34 -9.54
C VAL A 15 -6.47 7.71 -10.34
N SER A 16 -5.25 7.57 -9.82
CA SER A 16 -4.07 7.86 -10.61
C SER A 16 -2.90 7.12 -10.03
N SER A 17 -1.96 6.82 -10.89
CA SER A 17 -0.76 6.20 -10.52
C SER A 17 0.39 6.85 -11.32
N GLU A 18 1.55 6.95 -10.71
CA GLU A 18 2.72 7.40 -11.37
CA GLU A 18 2.75 7.44 -11.38
C GLU A 18 3.89 6.53 -10.98
N ASN A 19 4.67 6.13 -11.97
CA ASN A 19 5.92 5.40 -11.83
CA ASN A 19 5.95 5.42 -11.73
C ASN A 19 5.77 4.02 -11.15
N PHE A 20 4.56 3.45 -11.20
CA PHE A 20 4.36 2.19 -10.53
C PHE A 20 5.07 1.04 -11.20
N ASP A 21 5.15 1.04 -12.53
CA ASP A 21 5.87 -0.05 -13.24
C ASP A 21 7.31 -0.08 -12.77
N ASP A 22 7.97 1.10 -12.74
CA ASP A 22 9.35 1.16 -12.29
C ASP A 22 9.51 0.71 -10.83
N TYR A 23 8.60 1.12 -9.95
CA TYR A 23 8.63 0.66 -8.58
C TYR A 23 8.58 -0.84 -8.52
N MET A 24 7.62 -1.43 -9.25
CA MET A 24 7.50 -2.87 -9.27
CA MET A 24 7.50 -2.88 -9.26
C MET A 24 8.77 -3.52 -9.83
N LYS A 25 9.36 -2.95 -10.88
CA LYS A 25 10.64 -3.51 -11.35
C LYS A 25 11.67 -3.55 -10.27
N GLU A 26 11.79 -2.44 -9.54
CA GLU A 26 12.81 -2.31 -8.49
CA GLU A 26 12.79 -2.31 -8.46
C GLU A 26 12.55 -3.37 -7.38
N VAL A 27 11.28 -3.64 -7.06
CA VAL A 27 10.92 -4.63 -6.09
C VAL A 27 11.24 -6.07 -6.56
N GLY A 28 11.27 -6.28 -7.83
CA GLY A 28 11.57 -7.58 -8.44
C GLY A 28 10.39 -8.27 -9.08
N VAL A 29 9.31 -7.56 -9.31
CA VAL A 29 8.10 -8.17 -9.87
C VAL A 29 8.36 -8.44 -11.35
N GLY A 30 7.93 -9.63 -11.81
CA GLY A 30 8.15 -10.03 -13.16
C GLY A 30 7.22 -9.34 -14.16
N PHE A 31 7.52 -9.48 -15.44
CA PHE A 31 6.84 -8.75 -16.48
C PHE A 31 5.33 -8.95 -16.46
N ALA A 32 4.85 -10.19 -16.49
CA ALA A 32 3.42 -10.40 -16.66
C ALA A 32 2.65 -9.87 -15.47
N THR A 33 3.16 -10.09 -14.27
CA THR A 33 2.52 -9.56 -13.06
C THR A 33 2.52 -8.03 -13.13
N ARG A 34 3.64 -7.41 -13.50
CA ARG A 34 3.63 -5.97 -13.56
C ARG A 34 2.55 -5.45 -14.47
N LYS A 35 2.41 -6.05 -15.64
CA LYS A 35 1.42 -5.52 -16.59
C LYS A 35 0.04 -5.66 -16.06
N VAL A 36 -0.33 -6.82 -15.56
CA VAL A 36 -1.72 -7.04 -15.05
C VAL A 36 -1.95 -6.23 -13.78
N ALA A 37 -0.99 -6.18 -12.88
CA ALA A 37 -1.13 -5.38 -11.67
C ALA A 37 -1.24 -3.92 -11.98
N GLY A 38 -0.48 -3.45 -12.97
CA GLY A 38 -0.49 -2.04 -13.27
C GLY A 38 -1.81 -1.55 -13.85
N MET A 39 -2.58 -2.43 -14.47
CA MET A 39 -3.90 -2.11 -15.00
C MET A 39 -4.95 -1.94 -13.90
N ALA A 40 -4.74 -2.56 -12.75
CA ALA A 40 -5.77 -2.67 -11.74
C ALA A 40 -6.15 -1.28 -11.22
N LYS A 41 -7.41 -1.15 -10.89
CA LYS A 41 -7.94 0.05 -10.24
C LYS A 41 -8.59 -0.35 -8.93
N PRO A 42 -7.79 -0.66 -7.90
CA PRO A 42 -8.33 -1.25 -6.71
C PRO A 42 -9.23 -0.31 -5.90
N ASN A 43 -10.11 -0.96 -5.16
CA ASN A 43 -10.74 -0.29 -4.04
CA ASN A 43 -10.83 -0.39 -4.05
C ASN A 43 -10.02 -0.72 -2.77
N MET A 44 -9.61 0.29 -1.98
CA MET A 44 -8.89 0.11 -0.69
CA MET A 44 -8.90 0.09 -0.69
C MET A 44 -9.93 0.37 0.43
N ILE A 45 -10.14 -0.58 1.30
CA ILE A 45 -11.17 -0.49 2.35
C ILE A 45 -10.43 -0.54 3.66
N ILE A 46 -10.47 0.55 4.43
CA ILE A 46 -9.77 0.67 5.71
C ILE A 46 -10.80 0.75 6.82
N SER A 47 -10.61 -0.06 7.85
CA SER A 47 -11.49 -0.09 8.99
C SER A 47 -10.69 -0.31 10.23
N VAL A 48 -11.29 0.07 11.36
CA VAL A 48 -10.67 -0.07 12.66
C VAL A 48 -11.65 -0.65 13.64
N ASN A 49 -11.23 -1.62 14.42
CA ASN A 49 -12.06 -2.22 15.48
C ASN A 49 -11.15 -2.34 16.69
N GLY A 50 -11.35 -1.50 17.66
CA GLY A 50 -10.42 -1.44 18.79
C GLY A 50 -9.05 -1.05 18.35
N ASP A 51 -8.04 -1.82 18.69
CA ASP A 51 -6.69 -1.58 18.24
C ASP A 51 -6.33 -2.22 16.92
N VAL A 52 -7.24 -2.96 16.33
CA VAL A 52 -6.93 -3.68 15.10
C VAL A 52 -7.38 -2.88 13.91
N ILE A 53 -6.42 -2.62 13.00
CA ILE A 53 -6.66 -1.95 11.75
C ILE A 53 -6.73 -3.02 10.68
N THR A 54 -7.70 -2.93 9.77
CA THR A 54 -7.78 -3.82 8.62
C THR A 54 -7.74 -2.99 7.37
N ILE A 55 -6.90 -3.39 6.43
CA ILE A 55 -6.81 -2.79 5.10
C ILE A 55 -7.06 -3.92 4.08
N LYS A 56 -8.10 -3.77 3.31
CA LYS A 56 -8.38 -4.65 2.20
C LYS A 56 -8.12 -3.91 0.88
N SER A 57 -7.67 -4.66 -0.12
CA SER A 57 -7.43 -4.14 -1.49
C SER A 57 -8.25 -5.12 -2.37
N GLU A 58 -9.27 -4.66 -3.07
CA GLU A 58 -10.09 -5.51 -3.95
C GLU A 58 -9.95 -5.03 -5.39
N SER A 59 -9.60 -5.94 -6.30
CA SER A 59 -9.45 -5.55 -7.71
C SER A 59 -9.57 -6.77 -8.56
N THR A 60 -9.57 -6.55 -9.88
CA THR A 60 -9.59 -7.66 -10.78
C THR A 60 -8.32 -8.45 -10.69
N PHE A 61 -7.18 -7.87 -10.32
CA PHE A 61 -5.91 -8.56 -10.20
C PHE A 61 -5.84 -9.48 -9.01
N LYS A 62 -6.06 -8.94 -7.84
CA LYS A 62 -5.99 -9.70 -6.60
CA LYS A 62 -6.03 -9.72 -6.61
C LYS A 62 -6.87 -9.02 -5.55
N ASN A 63 -7.40 -9.83 -4.63
CA ASN A 63 -7.98 -9.32 -3.42
C ASN A 63 -7.01 -9.61 -2.29
N THR A 64 -6.64 -8.62 -1.50
CA THR A 64 -5.80 -8.80 -0.38
C THR A 64 -6.44 -8.27 0.89
N GLU A 65 -5.98 -8.74 2.02
CA GLU A 65 -6.46 -8.27 3.32
C GLU A 65 -5.33 -8.40 4.32
N ILE A 66 -5.06 -7.34 5.06
CA ILE A 66 -4.17 -7.36 6.20
C ILE A 66 -4.89 -6.79 7.41
N SER A 67 -4.65 -7.38 8.57
CA SER A 67 -5.07 -6.85 9.87
C SER A 67 -3.86 -6.78 10.76
N PHE A 68 -3.76 -5.73 11.56
CA PHE A 68 -2.56 -5.49 12.32
C PHE A 68 -2.84 -4.52 13.46
N ILE A 69 -1.91 -4.52 14.41
CA ILE A 69 -1.82 -3.54 15.46
C ILE A 69 -0.60 -2.68 15.21
N LEU A 70 -0.68 -1.38 15.38
CA LEU A 70 0.44 -0.51 15.10
C LEU A 70 1.61 -0.95 15.94
N GLY A 71 2.77 -0.95 15.29
CA GLY A 71 4.03 -1.32 15.92
C GLY A 71 4.30 -2.78 16.09
N GLN A 72 3.39 -3.64 15.70
CA GLN A 72 3.50 -5.07 15.98
C GLN A 72 3.66 -5.81 14.67
N GLU A 73 4.82 -6.41 14.47
CA GLU A 73 5.17 -7.04 13.21
C GLU A 73 4.23 -8.19 12.90
N PHE A 74 4.02 -8.44 11.64
CA PHE A 74 3.17 -9.52 11.16
C PHE A 74 3.70 -10.02 9.84
N ASP A 75 3.25 -11.23 9.48
CA ASP A 75 3.51 -11.85 8.15
C ASP A 75 2.49 -11.37 7.16
N GLU A 76 2.95 -11.11 5.96
CA GLU A 76 2.07 -10.64 4.84
C GLU A 76 2.55 -11.46 3.58
N VAL A 77 1.59 -11.86 2.77
CA VAL A 77 1.86 -12.35 1.45
C VAL A 77 1.33 -11.24 0.55
N THR A 78 2.23 -10.59 -0.16
CA THR A 78 1.88 -9.45 -0.99
C THR A 78 1.16 -9.88 -2.24
N ALA A 79 0.53 -8.94 -2.95
CA ALA A 79 -0.23 -9.26 -4.14
C ALA A 79 0.63 -9.91 -5.22
N ASP A 80 1.92 -9.57 -5.27
CA ASP A 80 2.88 -10.17 -6.18
C ASP A 80 3.56 -11.44 -5.61
N ASP A 81 3.05 -11.94 -4.49
CA ASP A 81 3.43 -13.24 -3.87
C ASP A 81 4.75 -13.21 -3.15
N ARG A 82 5.21 -12.06 -2.70
CA ARG A 82 6.37 -12.03 -1.77
C ARG A 82 5.85 -12.38 -0.40
N LYS A 83 6.67 -13.12 0.34
CA LYS A 83 6.43 -13.45 1.73
C LYS A 83 7.28 -12.50 2.56
N VAL A 84 6.63 -11.49 3.19
CA VAL A 84 7.33 -10.41 3.82
C VAL A 84 6.98 -10.32 5.31
N LYS A 85 7.89 -9.68 6.06
CA LYS A 85 7.64 -9.31 7.43
C LYS A 85 7.32 -7.84 7.44
N SER A 86 6.16 -7.48 7.93
CA SER A 86 5.66 -6.12 7.87
C SER A 86 5.47 -5.52 9.23
N THR A 87 5.73 -4.20 9.34
CA THR A 87 5.41 -3.44 10.52
C THR A 87 4.83 -2.15 10.08
N ILE A 88 3.68 -1.75 10.65
CA ILE A 88 2.99 -0.53 10.29
C ILE A 88 2.90 0.31 11.54
N THR A 89 3.31 1.59 11.42
CA THR A 89 3.29 2.53 12.50
C THR A 89 2.61 3.81 12.01
N LEU A 90 2.23 4.67 12.95
CA LEU A 90 1.77 6.00 12.67
CA LEU A 90 1.84 6.07 12.66
C LEU A 90 2.93 7.00 13.00
N ASP A 91 3.35 7.81 12.05
CA ASP A 91 4.38 8.76 12.29
C ASP A 91 3.88 10.10 11.89
N GLY A 92 3.59 10.96 12.86
CA GLY A 92 3.10 12.23 12.47
C GLY A 92 1.82 12.20 11.58
N GLY A 93 0.93 11.34 11.89
CA GLY A 93 -0.30 11.25 11.09
C GLY A 93 -0.21 10.49 9.75
N VAL A 94 0.94 9.94 9.43
CA VAL A 94 1.18 9.13 8.23
C VAL A 94 1.27 7.71 8.64
N LEU A 95 0.56 6.82 7.97
CA LEU A 95 0.73 5.39 8.17
C LEU A 95 1.95 4.93 7.37
N VAL A 96 2.92 4.36 8.07
CA VAL A 96 4.20 3.94 7.48
C VAL A 96 4.29 2.42 7.58
N HIS A 97 4.33 1.78 6.43
CA HIS A 97 4.34 0.32 6.31
C HIS A 97 5.65 -0.11 5.72
N VAL A 98 6.46 -0.84 6.52
CA VAL A 98 7.75 -1.33 6.05
C VAL A 98 7.59 -2.85 5.85
N GLN A 99 8.04 -3.32 4.69
CA GLN A 99 8.04 -4.74 4.34
C GLN A 99 9.51 -5.18 4.18
N LYS A 100 9.88 -6.25 4.86
CA LYS A 100 11.22 -6.83 4.81
C LYS A 100 11.16 -8.24 4.28
N TRP A 101 12.03 -8.58 3.30
CA TRP A 101 12.14 -9.91 2.77
C TRP A 101 13.45 -10.06 2.06
N ASP A 102 14.07 -11.22 2.20
CA ASP A 102 15.27 -11.56 1.45
C ASP A 102 16.36 -10.47 1.56
N GLY A 103 16.48 -9.84 2.73
CA GLY A 103 17.43 -8.77 2.97
C GLY A 103 17.15 -7.44 2.30
N LYS A 104 15.97 -7.29 1.69
CA LYS A 104 15.47 -6.12 1.02
C LYS A 104 14.40 -5.47 1.89
N SER A 105 14.07 -4.23 1.54
CA SER A 105 13.09 -3.47 2.29
C SER A 105 12.42 -2.50 1.33
N THR A 106 11.12 -2.31 1.55
CA THR A 106 10.34 -1.28 0.85
C THR A 106 9.41 -0.64 1.85
N THR A 107 9.08 0.64 1.62
CA THR A 107 8.20 1.37 2.50
C THR A 107 7.05 1.94 1.72
N ILE A 108 5.86 1.75 2.25
CA ILE A 108 4.62 2.25 1.70
C ILE A 108 4.03 3.21 2.72
N LYS A 109 3.86 4.48 2.36
CA LYS A 109 3.27 5.49 3.20
C LYS A 109 1.88 5.82 2.70
N ARG A 110 0.95 6.00 3.62
CA ARG A 110 -0.43 6.41 3.31
CA ARG A 110 -0.43 6.43 3.35
C ARG A 110 -0.66 7.70 4.08
N LYS A 111 -1.13 8.72 3.34
CA LYS A 111 -1.33 10.06 3.84
C LYS A 111 -2.70 10.59 3.41
N ARG A 112 -3.36 11.32 4.28
CA ARG A 112 -4.57 12.03 3.90
C ARG A 112 -4.14 13.40 3.49
N GLU A 113 -4.53 13.82 2.26
CA GLU A 113 -4.19 15.14 1.73
C GLU A 113 -5.43 15.67 1.05
N ASP A 114 -5.99 16.76 1.57
CA ASP A 114 -7.30 17.25 1.10
C ASP A 114 -8.29 16.10 1.19
N ASP A 115 -9.09 15.82 0.14
CA ASP A 115 -10.06 14.74 0.17
C ASP A 115 -9.49 13.45 -0.35
N LYS A 116 -8.18 13.37 -0.56
CA LYS A 116 -7.54 12.19 -1.15
C LYS A 116 -6.77 11.41 -0.08
N LEU A 117 -6.52 10.16 -0.44
CA LEU A 117 -5.58 9.34 0.27
CA LEU A 117 -5.60 9.30 0.26
C LEU A 117 -4.47 9.03 -0.71
N VAL A 118 -3.26 9.47 -0.37
CA VAL A 118 -2.10 9.35 -1.24
C VAL A 118 -1.21 8.25 -0.71
N VAL A 119 -0.83 7.31 -1.57
CA VAL A 119 0.02 6.21 -1.26
C VAL A 119 1.35 6.44 -1.96
N GLU A 120 2.43 6.49 -1.20
CA GLU A 120 3.77 6.63 -1.75
C GLU A 120 4.57 5.40 -1.43
N CYS A 121 5.07 4.73 -2.46
CA CYS A 121 5.81 3.46 -2.32
CA CYS A 121 5.85 3.54 -2.19
C CYS A 121 7.24 3.74 -2.74
N VAL A 122 8.21 3.34 -1.92
CA VAL A 122 9.61 3.61 -2.20
C VAL A 122 10.41 2.29 -2.09
N MET A 123 11.22 2.07 -3.10
CA MET A 123 12.16 0.90 -3.17
CA MET A 123 12.30 1.16 -2.90
C MET A 123 13.50 1.57 -3.64
N LYS A 124 14.45 1.62 -2.72
N LYS A 124 14.65 1.46 -2.98
CA LYS A 124 15.72 2.27 -2.95
CA LYS A 124 15.94 1.80 -3.67
C LYS A 124 15.45 3.64 -3.47
C LYS A 124 15.94 3.10 -4.54
N GLY A 125 15.96 4.02 -4.64
N GLY A 125 15.33 4.18 -4.05
CA GLY A 125 15.70 5.37 -5.22
CA GLY A 125 15.33 5.45 -4.75
C GLY A 125 14.40 5.59 -5.97
C GLY A 125 14.31 5.62 -5.82
N VAL A 126 13.55 4.56 -6.04
CA VAL A 126 12.38 4.62 -6.90
C VAL A 126 11.12 4.79 -6.11
N THR A 127 10.35 5.86 -6.39
CA THR A 127 9.08 6.13 -5.76
C THR A 127 7.96 6.06 -6.74
N SER A 128 6.86 5.58 -6.29
CA SER A 128 5.60 5.67 -7.00
C SER A 128 4.59 6.30 -6.12
N THR A 129 3.71 7.09 -6.75
CA THR A 129 2.64 7.78 -6.08
C THR A 129 1.32 7.31 -6.67
N ARG A 130 0.41 6.85 -5.81
CA ARG A 130 -0.91 6.35 -6.17
C ARG A 130 -1.92 7.15 -5.38
N VAL A 131 -2.89 7.74 -6.06
CA VAL A 131 -3.84 8.65 -5.45
C VAL A 131 -5.21 7.96 -5.49
N TYR A 132 -5.86 7.96 -4.33
CA TYR A 132 -7.18 7.41 -4.13
C TYR A 132 -8.16 8.52 -3.74
N GLU A 133 -9.38 8.37 -4.21
CA GLU A 133 -10.52 9.22 -3.84
C GLU A 133 -11.57 8.38 -3.11
N ARG A 134 -12.45 9.04 -2.34
CA ARG A 134 -13.50 8.31 -1.68
C ARG A 134 -14.38 7.64 -2.73
N ALA A 135 -14.78 6.43 -2.46
CA ALA A 135 -15.59 5.64 -3.40
C ALA A 135 -17.04 6.06 -3.30
N1 WQH B . -1.10 0.93 -3.94
N3 WQH B . -0.59 -0.09 -2.04
C4 WQH B . -0.15 0.25 -3.24
C6 WQH B . -1.18 -4.39 -5.77
C7 WQH B . -0.92 -3.87 -7.02
C8 WQH B . -2.00 -3.62 -7.84
C10 WQH B . -3.56 -4.64 -6.27
C13 WQH B . 0.81 -3.71 -4.57
C15 WQH B . 3.09 -3.19 -4.06
C17 WQH B . 1.49 -1.42 -3.93
N2 WQH B . -2.11 1.06 -3.13
N5 WQH B . -1.84 0.40 -2.04
C9 WQH B . -3.30 -4.03 -7.46
C11 WQH B . -2.47 -4.81 -5.38
C12 WQH B . 0.54 -2.33 -4.33
C14 WQH B . 2.14 -4.11 -4.40
C16 WQH B . 2.76 -1.88 -3.80
O18 WQH B . -0.16 -4.68 -4.87
C19 WQH B . 1.19 -0.01 -3.76
CL20 WQH B . 2.55 -5.73 -4.65
S SO4 C . 2.17 3.72 -13.64
O1 SO4 C . 2.12 4.36 -12.43
O2 SO4 C . 0.92 2.90 -13.72
O3 SO4 C . 2.19 4.77 -14.73
O4 SO4 C . 3.34 2.78 -14.04
S SO4 D . -13.31 13.99 5.24
O1 SO4 D . -14.16 12.95 4.58
O2 SO4 D . -14.34 14.94 5.93
O3 SO4 D . -12.30 14.65 4.25
O4 SO4 D . -12.43 13.34 6.28
#